data_4WAD
#
_entry.id   4WAD
#
_cell.length_a   124.024
_cell.length_b   124.024
_cell.length_c   217.030
_cell.angle_alpha   90.000
_cell.angle_beta   90.000
_cell.angle_gamma   120.000
#
_symmetry.space_group_name_H-M   'P 63 2 2'
#
loop_
_entity.id
_entity.type
_entity.pdbx_description
1 polymer 'Glycosyl transferase, group 1 family protein'
2 non-polymer URIDINE-DIPHOSPHATE-N-ACETYLGLUCOSAMINE
3 non-polymer 1,2-ETHANEDIOL
4 non-polymer 'CHLORIDE ION'
5 water water
#
_entity_poly.entity_id   1
_entity_poly.type   'polypeptide(L)'
_entity_poly.pdbx_seq_one_letter_code
;IDPFTMKKIFMMVHELDVNKGGMTSSMFNRSKEFYDADIPADIVTFDYKGNYDEIIKALKKQGKMDRRTKMYNVFEYFKQ
ISNNKHFKSNKLLYKHISERLKNTIEIEESKGISRYFDITTGTYIAYIRKSKSEKVIDFFKDNKRIERFSFIDNKVHMKE
TFNVDNKVCYQVFYDEKGYPYISRNINANNGAVGKTYVLVNKKEFKNNLALCVYYLEKLIKDSKDSIMICDGPGSFPKMF
NTNHKNAQKYGVIHVNHHENFDDTGAFKKSEKYIIENANKINGVIVLTEAQRLDILNQFDVENIFTISNFVKIHNAPKHF
QTEKIVGHISRMVPTKRIDLLIEVAELVVKKDNAVKFHIYGEGSVKDKIAKMIEDKNLERNVFLKGYTTTPQKCLEDFKL
VVSTSQYEGQGLSMIEAMISKRPVVAFDIKYGPSDFIEDNKNGYLIENHNINDMADKILQLVNNDVLAAEFGSKARENII
EKYSTESILEKWLNLFNS
;
_entity_poly.pdbx_strand_id   A
#
loop_
_chem_comp.id
_chem_comp.type
_chem_comp.name
_chem_comp.formula
CL non-polymer 'CHLORIDE ION' 'Cl -1'
EDO non-polymer 1,2-ETHANEDIOL 'C2 H6 O2'
UD1 non-polymer URIDINE-DIPHOSPHATE-N-ACETYLGLUCOSAMINE 'C17 H27 N3 O17 P2'
#
# COMPACT_ATOMS: atom_id res chain seq x y z
N ILE A 1 16.70 -22.68 -6.13
CA ILE A 1 17.56 -23.79 -6.55
C ILE A 1 16.72 -24.97 -7.06
N ASP A 2 16.11 -25.70 -6.13
CA ASP A 2 15.29 -26.86 -6.46
C ASP A 2 13.99 -26.42 -7.14
N PRO A 3 13.77 -26.91 -8.37
CA PRO A 3 12.55 -26.63 -9.12
C PRO A 3 11.32 -27.33 -8.54
N PHE A 4 11.55 -28.21 -7.56
CA PHE A 4 10.46 -28.90 -6.89
C PHE A 4 10.52 -28.69 -5.38
N THR A 5 11.05 -27.55 -4.94
CA THR A 5 11.16 -27.26 -3.52
C THR A 5 9.78 -27.06 -2.89
N MET A 6 9.63 -27.48 -1.64
CA MET A 6 8.38 -27.30 -0.92
C MET A 6 8.43 -26.02 -0.11
N LYS A 7 9.46 -25.22 -0.35
CA LYS A 7 9.56 -23.89 0.22
C LYS A 7 8.43 -23.01 -0.27
N LYS A 8 7.88 -22.19 0.62
CA LYS A 8 6.89 -21.20 0.24
C LYS A 8 6.99 -19.97 1.13
N ILE A 9 6.78 -18.80 0.54
CA ILE A 9 6.86 -17.54 1.27
C ILE A 9 5.49 -16.88 1.37
N PHE A 10 5.06 -16.59 2.60
CA PHE A 10 3.82 -15.86 2.81
C PHE A 10 4.15 -14.43 3.22
N MET A 11 3.91 -13.49 2.31
CA MET A 11 4.17 -12.08 2.57
C MET A 11 2.92 -11.42 3.12
N MET A 12 3.07 -10.77 4.27
CA MET A 12 1.92 -10.33 5.05
C MET A 12 1.81 -8.81 5.11
N VAL A 13 0.69 -8.30 4.59
CA VAL A 13 0.35 -6.89 4.70
C VAL A 13 -1.12 -6.84 5.09
N HIS A 14 -1.57 -5.76 5.72
CA HIS A 14 -2.95 -5.71 6.19
C HIS A 14 -3.95 -5.75 5.05
N GLU A 15 -3.75 -4.90 4.04
CA GLU A 15 -4.68 -4.85 2.91
C GLU A 15 -3.97 -4.62 1.58
N LEU A 16 -4.60 -5.11 0.51
CA LEU A 16 -4.19 -4.78 -0.85
C LEU A 16 -5.32 -3.99 -1.50
N ASP A 17 -4.98 -3.15 -2.47
CA ASP A 17 -5.97 -2.29 -3.13
C ASP A 17 -5.33 -1.59 -4.32
N VAL A 18 -6.16 -0.94 -5.14
CA VAL A 18 -5.69 -0.32 -6.37
C VAL A 18 -5.38 1.16 -6.19
N ASN A 19 -4.36 1.63 -6.91
CA ASN A 19 -3.88 3.02 -6.88
C ASN A 19 -3.04 3.34 -5.62
N LYS A 20 -2.13 2.43 -5.27
CA LYS A 20 -1.10 2.72 -4.26
C LYS A 20 0.30 2.56 -4.86
N GLY A 21 1.26 2.26 -4.00
CA GLY A 21 2.63 2.07 -4.45
C GLY A 21 3.65 2.11 -3.31
N GLY A 22 4.89 1.80 -3.63
CA GLY A 22 5.96 1.80 -2.64
C GLY A 22 6.21 0.43 -2.05
N MET A 23 5.72 0.21 -0.84
CA MET A 23 5.91 -1.06 -0.15
C MET A 23 5.17 -2.20 -0.87
N THR A 24 3.94 -1.92 -1.30
CA THR A 24 3.13 -2.93 -1.97
C THR A 24 3.69 -3.30 -3.34
N SER A 25 4.07 -2.29 -4.13
CA SER A 25 4.65 -2.55 -5.45
C SER A 25 5.97 -3.28 -5.31
N SER A 26 6.64 -3.07 -4.18
CA SER A 26 7.85 -3.81 -3.86
C SER A 26 7.51 -5.28 -3.58
N MET A 27 6.38 -5.49 -2.92
CA MET A 27 5.90 -6.84 -2.60
C MET A 27 5.46 -7.58 -3.85
N PHE A 28 4.80 -6.86 -4.75
CA PHE A 28 4.37 -7.43 -6.02
C PHE A 28 5.56 -7.90 -6.87
N ASN A 29 6.61 -7.10 -6.88
CA ASN A 29 7.81 -7.43 -7.65
C ASN A 29 8.62 -8.55 -6.99
N ARG A 30 8.68 -8.54 -5.67
CA ARG A 30 9.41 -9.56 -4.93
C ARG A 30 8.77 -10.93 -5.12
N SER A 31 7.45 -10.97 -5.17
CA SER A 31 6.73 -12.20 -5.47
C SER A 31 7.09 -12.72 -6.86
N LYS A 32 7.18 -11.80 -7.82
CA LYS A 32 7.53 -12.13 -9.19
C LYS A 32 8.92 -12.75 -9.30
N GLU A 33 9.88 -12.17 -8.59
CA GLU A 33 11.25 -12.67 -8.59
C GLU A 33 11.35 -14.07 -7.99
N PHE A 34 10.76 -14.26 -6.82
CA PHE A 34 10.79 -15.54 -6.14
C PHE A 34 10.12 -16.65 -6.96
N TYR A 35 9.05 -16.30 -7.67
CA TYR A 35 8.38 -17.26 -8.54
C TYR A 35 9.28 -17.68 -9.70
N ASP A 36 10.14 -16.77 -10.15
CA ASP A 36 11.10 -17.08 -11.21
C ASP A 36 12.13 -18.12 -10.73
N ALA A 37 12.48 -18.05 -9.44
CA ALA A 37 13.43 -18.99 -8.85
C ALA A 37 12.74 -20.25 -8.34
N ASP A 38 11.55 -20.52 -8.88
CA ASP A 38 10.75 -21.69 -8.51
C ASP A 38 10.42 -21.75 -7.02
N ILE A 39 10.17 -20.59 -6.42
CA ILE A 39 9.71 -20.53 -5.04
C ILE A 39 8.45 -19.67 -4.96
N PRO A 40 7.30 -20.33 -4.74
CA PRO A 40 6.00 -19.64 -4.64
C PRO A 40 6.00 -18.58 -3.53
N ALA A 41 5.70 -17.34 -3.92
CA ALA A 41 5.65 -16.24 -2.96
C ALA A 41 4.30 -15.54 -3.04
N ASP A 42 3.43 -15.80 -2.07
CA ASP A 42 2.08 -15.25 -2.11
C ASP A 42 1.85 -14.23 -0.99
N ILE A 43 0.71 -13.55 -1.06
CA ILE A 43 0.42 -12.45 -0.16
C ILE A 43 -0.78 -12.77 0.75
N VAL A 44 -0.69 -12.40 2.02
CA VAL A 44 -1.78 -12.62 2.97
C VAL A 44 -2.30 -11.29 3.49
N THR A 45 -3.62 -11.09 3.40
CA THR A 45 -4.25 -9.86 3.89
C THR A 45 -5.22 -10.18 5.02
N PHE A 46 -5.62 -9.17 5.79
CA PHE A 46 -6.39 -9.40 7.01
C PHE A 46 -7.60 -8.49 7.16
N ASP A 47 -7.93 -7.75 6.11
CA ASP A 47 -9.10 -6.88 6.14
C ASP A 47 -10.24 -7.47 5.32
N TYR A 48 -11.42 -6.88 5.42
CA TYR A 48 -12.56 -7.36 4.63
C TYR A 48 -12.92 -6.40 3.50
N LYS A 49 -13.11 -6.99 2.33
CA LYS A 49 -13.65 -6.35 1.16
C LYS A 49 -14.51 -7.32 0.42
N GLY A 50 -15.71 -6.95 0.04
CA GLY A 50 -16.56 -7.86 -0.69
C GLY A 50 -16.18 -7.99 -2.16
N ASN A 51 -15.25 -7.14 -2.61
CA ASN A 51 -14.86 -7.14 -4.01
C ASN A 51 -13.36 -7.32 -4.24
N TYR A 52 -12.73 -8.14 -3.42
CA TYR A 52 -11.31 -8.40 -3.52
C TYR A 52 -11.00 -9.20 -4.75
N ASP A 53 -11.90 -10.09 -5.13
CA ASP A 53 -11.75 -10.85 -6.37
C ASP A 53 -11.67 -9.89 -7.56
N GLU A 54 -12.51 -8.87 -7.56
CA GLU A 54 -12.51 -7.86 -8.62
C GLU A 54 -11.28 -6.96 -8.55
N ILE A 55 -10.77 -6.72 -7.33
CA ILE A 55 -9.58 -5.89 -7.14
C ILE A 55 -8.30 -6.63 -7.57
N ILE A 56 -8.15 -7.87 -7.12
CA ILE A 56 -7.01 -8.70 -7.52
C ILE A 56 -7.02 -8.90 -9.04
N LYS A 57 -8.20 -9.14 -9.59
CA LYS A 57 -8.38 -9.28 -11.04
C LYS A 57 -7.92 -8.02 -11.76
N ALA A 58 -8.21 -6.87 -11.16
CA ALA A 58 -7.78 -5.59 -11.73
C ALA A 58 -6.27 -5.41 -11.64
N LEU A 59 -5.71 -5.71 -10.47
CA LEU A 59 -4.27 -5.56 -10.22
C LEU A 59 -3.41 -6.37 -11.20
N LYS A 60 -3.97 -7.46 -11.72
CA LYS A 60 -3.25 -8.33 -12.64
C LYS A 60 -3.46 -7.90 -14.09
N LYS A 61 -4.69 -7.56 -14.43
CA LYS A 61 -5.01 -7.07 -15.77
C LYS A 61 -4.29 -5.74 -16.05
N GLN A 62 -4.24 -4.89 -15.03
CA GLN A 62 -3.60 -3.58 -15.15
C GLN A 62 -2.09 -3.68 -14.95
N GLY A 63 -1.57 -4.90 -14.95
CA GLY A 63 -0.14 -5.14 -14.87
C GLY A 63 0.57 -4.51 -13.68
N LYS A 64 0.04 -4.74 -12.48
CA LYS A 64 0.69 -4.29 -11.25
C LYS A 64 1.04 -5.48 -10.38
N MET A 65 0.45 -6.63 -10.70
CA MET A 65 0.60 -7.83 -9.88
C MET A 65 0.85 -9.04 -10.77
N ASP A 66 1.87 -9.82 -10.46
CA ASP A 66 2.16 -11.04 -11.21
C ASP A 66 0.98 -11.99 -11.08
N ARG A 67 0.54 -12.55 -12.20
CA ARG A 67 -0.66 -13.38 -12.22
C ARG A 67 -0.47 -14.69 -11.46
N ARG A 68 0.78 -15.07 -11.22
CA ARG A 68 1.07 -16.27 -10.44
C ARG A 68 0.91 -16.00 -8.95
N THR A 69 1.00 -14.73 -8.56
CA THR A 69 0.87 -14.35 -7.16
C THR A 69 -0.58 -14.39 -6.71
N LYS A 70 -0.83 -15.10 -5.61
CA LYS A 70 -2.17 -15.16 -5.04
C LYS A 70 -2.25 -14.26 -3.81
N MET A 71 -3.46 -13.81 -3.48
CA MET A 71 -3.68 -13.16 -2.20
C MET A 71 -4.52 -14.07 -1.32
N TYR A 72 -4.03 -14.34 -0.11
CA TYR A 72 -4.81 -15.08 0.86
C TYR A 72 -5.47 -14.09 1.82
N ASN A 73 -6.75 -14.28 2.08
CA ASN A 73 -7.49 -13.40 2.97
C ASN A 73 -8.20 -14.18 4.06
N VAL A 74 -8.06 -13.73 5.30
CA VAL A 74 -8.59 -14.45 6.46
C VAL A 74 -10.10 -14.69 6.34
N PHE A 75 -10.82 -13.71 5.79
CA PHE A 75 -12.26 -13.84 5.65
C PHE A 75 -12.64 -14.69 4.44
N GLU A 76 -11.75 -14.75 3.45
CA GLU A 76 -11.96 -15.60 2.29
C GLU A 76 -11.73 -17.07 2.63
N TYR A 77 -10.94 -17.31 3.68
CA TYR A 77 -10.69 -18.67 4.15
C TYR A 77 -11.90 -19.25 4.86
N PHE A 78 -12.48 -18.49 5.78
CA PHE A 78 -13.64 -18.94 6.53
C PHE A 78 -14.92 -18.92 5.68
N LYS A 79 -14.95 -18.06 4.66
CA LYS A 79 -16.07 -18.06 3.73
C LYS A 79 -16.10 -19.36 2.93
N GLN A 80 -14.93 -19.83 2.50
CA GLN A 80 -14.87 -21.02 1.68
C GLN A 80 -15.17 -22.29 2.50
N ILE A 81 -14.81 -22.27 3.78
CA ILE A 81 -15.22 -23.34 4.69
C ILE A 81 -16.75 -23.36 4.78
N SER A 82 -17.33 -22.17 4.96
CA SER A 82 -18.78 -22.01 5.04
C SER A 82 -19.48 -22.51 3.77
N ASN A 83 -18.89 -22.21 2.61
CA ASN A 83 -19.42 -22.62 1.32
C ASN A 83 -19.62 -24.13 1.21
N ASN A 84 -18.75 -24.89 1.87
CA ASN A 84 -18.79 -26.35 1.77
C ASN A 84 -19.52 -27.02 2.94
N LYS A 85 -20.15 -26.22 3.79
CA LYS A 85 -20.98 -26.75 4.87
C LYS A 85 -22.46 -26.69 4.49
N HIS A 86 -22.75 -25.96 3.42
CA HIS A 86 -24.12 -25.81 2.96
C HIS A 86 -24.23 -26.14 1.48
N PHE A 87 -25.34 -26.76 1.09
CA PHE A 87 -25.55 -27.14 -0.30
C PHE A 87 -26.97 -26.79 -0.70
N LYS A 88 -27.39 -25.61 -0.24
CA LYS A 88 -28.72 -25.06 -0.49
C LYS A 88 -28.71 -23.57 -0.17
N SER A 89 -29.09 -22.75 -1.13
CA SER A 89 -29.07 -21.30 -0.97
C SER A 89 -29.88 -20.85 0.26
N ASN A 90 -29.36 -19.87 0.98
CA ASN A 90 -30.02 -19.35 2.17
C ASN A 90 -31.17 -18.42 1.82
N LYS A 91 -32.28 -19.00 1.37
CA LYS A 91 -33.45 -18.24 0.94
C LYS A 91 -34.15 -17.50 2.07
N LEU A 92 -34.05 -18.04 3.28
CA LEU A 92 -34.69 -17.42 4.44
C LEU A 92 -34.13 -16.02 4.72
N LEU A 93 -32.91 -15.77 4.28
CA LEU A 93 -32.30 -14.44 4.40
C LEU A 93 -32.97 -13.46 3.44
N TYR A 94 -33.12 -13.86 2.18
CA TYR A 94 -33.76 -13.01 1.18
C TYR A 94 -35.25 -12.87 1.46
N LYS A 95 -35.85 -13.88 2.07
CA LYS A 95 -37.23 -13.81 2.53
C LYS A 95 -37.33 -12.81 3.68
N HIS A 96 -36.33 -12.81 4.54
CA HIS A 96 -36.27 -11.87 5.66
C HIS A 96 -36.19 -10.43 5.16
N ILE A 97 -35.46 -10.20 4.07
CA ILE A 97 -35.32 -8.88 3.49
C ILE A 97 -36.57 -8.51 2.69
N SER A 98 -37.13 -9.48 1.97
CA SER A 98 -38.35 -9.28 1.20
C SER A 98 -39.54 -8.90 2.09
N GLU A 99 -39.69 -9.61 3.20
CA GLU A 99 -40.82 -9.41 4.10
C GLU A 99 -40.87 -8.01 4.70
N ARG A 100 -39.70 -7.43 4.94
CA ARG A 100 -39.61 -6.10 5.52
C ARG A 100 -39.86 -5.02 4.47
N LEU A 101 -39.93 -5.44 3.21
CA LEU A 101 -40.11 -4.50 2.10
C LEU A 101 -41.49 -4.55 1.45
N LYS A 102 -42.30 -5.56 1.80
CA LYS A 102 -43.63 -5.68 1.22
C LYS A 102 -44.62 -4.75 1.92
N ASN A 103 -45.75 -4.50 1.27
CA ASN A 103 -46.74 -3.53 1.74
C ASN A 103 -46.12 -2.14 1.85
N THR A 104 -45.16 -1.84 0.97
CA THR A 104 -44.55 -0.51 0.93
C THR A 104 -44.82 0.20 -0.40
N ILE A 105 -44.71 1.52 -0.39
CA ILE A 105 -44.84 2.29 -1.62
C ILE A 105 -43.47 2.89 -1.96
N GLU A 106 -43.20 3.07 -3.25
CA GLU A 106 -41.89 3.57 -3.67
C GLU A 106 -41.92 5.05 -4.03
N ILE A 107 -40.91 5.78 -3.56
CA ILE A 107 -40.74 7.18 -3.94
C ILE A 107 -39.30 7.41 -4.37
N GLU A 108 -39.13 7.80 -5.64
CA GLU A 108 -37.80 7.95 -6.22
C GLU A 108 -37.12 9.26 -5.82
N GLU A 109 -35.80 9.22 -5.74
CA GLU A 109 -34.99 10.42 -5.53
C GLU A 109 -34.26 10.79 -6.82
N SER A 110 -33.52 9.82 -7.35
CA SER A 110 -32.87 9.97 -8.65
C SER A 110 -32.97 8.65 -9.43
N LYS A 111 -31.95 8.36 -10.24
CA LYS A 111 -31.98 7.20 -11.14
C LYS A 111 -32.14 5.86 -10.41
N GLY A 112 -31.14 5.49 -9.61
CA GLY A 112 -31.19 4.23 -8.90
C GLY A 112 -31.34 4.40 -7.39
N ILE A 113 -31.99 5.49 -6.98
CA ILE A 113 -32.19 5.77 -5.58
C ILE A 113 -33.67 5.93 -5.25
N SER A 114 -34.16 5.14 -4.30
CA SER A 114 -35.58 5.17 -3.93
C SER A 114 -35.78 4.92 -2.44
N ARG A 115 -36.85 5.49 -1.89
CA ARG A 115 -37.22 5.24 -0.50
C ARG A 115 -38.56 4.51 -0.47
N TYR A 116 -38.80 3.74 0.58
CA TYR A 116 -40.00 2.93 0.66
C TYR A 116 -40.77 3.19 1.95
N PHE A 117 -42.08 3.37 1.83
CA PHE A 117 -42.92 3.71 2.97
C PHE A 117 -44.08 2.73 3.09
N ASP A 118 -44.35 2.28 4.31
CA ASP A 118 -45.46 1.37 4.57
C ASP A 118 -46.78 2.03 4.19
N ILE A 119 -47.56 1.36 3.35
CA ILE A 119 -48.80 1.92 2.82
C ILE A 119 -49.95 1.85 3.83
N THR A 120 -49.68 1.31 5.01
CA THR A 120 -50.69 1.23 6.07
C THR A 120 -50.47 2.29 7.13
N THR A 121 -49.21 2.49 7.52
CA THR A 121 -48.87 3.41 8.60
C THR A 121 -48.16 4.66 8.10
N GLY A 122 -47.51 4.57 6.94
CA GLY A 122 -46.76 5.68 6.41
C GLY A 122 -45.34 5.70 6.93
N THR A 123 -44.98 4.64 7.66
CA THR A 123 -43.66 4.53 8.29
C THR A 123 -42.53 4.44 7.26
N TYR A 124 -41.44 5.16 7.52
CA TYR A 124 -40.23 5.07 6.71
C TYR A 124 -39.59 3.69 6.87
N ILE A 125 -39.60 2.90 5.81
CA ILE A 125 -39.13 1.52 5.88
C ILE A 125 -37.70 1.31 5.38
N ALA A 126 -37.42 1.72 4.14
CA ALA A 126 -36.12 1.43 3.56
C ALA A 126 -35.60 2.47 2.57
N TYR A 127 -34.28 2.53 2.43
CA TYR A 127 -33.61 3.33 1.43
C TYR A 127 -32.75 2.41 0.57
N ILE A 128 -33.01 2.38 -0.73
CA ILE A 128 -32.23 1.52 -1.61
C ILE A 128 -31.48 2.32 -2.67
N ARG A 129 -30.16 2.17 -2.69
CA ARG A 129 -29.32 2.78 -3.72
C ARG A 129 -28.57 1.70 -4.46
N LYS A 130 -28.95 1.45 -5.70
CA LYS A 130 -28.32 0.40 -6.49
C LYS A 130 -27.60 0.96 -7.70
N SER A 131 -26.35 0.56 -7.87
CA SER A 131 -25.64 0.76 -9.14
C SER A 131 -26.15 -0.31 -10.11
N LYS A 132 -25.24 -0.97 -10.82
CA LYS A 132 -25.69 -1.99 -11.77
C LYS A 132 -25.17 -3.37 -11.40
N SER A 133 -24.10 -3.42 -10.62
CA SER A 133 -23.54 -4.69 -10.16
C SER A 133 -23.53 -4.77 -8.63
N GLU A 134 -23.80 -3.66 -7.98
CA GLU A 134 -23.84 -3.61 -6.51
C GLU A 134 -25.05 -2.81 -6.03
N LYS A 135 -25.47 -3.07 -4.79
CA LYS A 135 -26.69 -2.48 -4.25
C LYS A 135 -26.64 -2.43 -2.72
N VAL A 136 -27.13 -1.32 -2.15
CA VAL A 136 -27.24 -1.21 -0.69
C VAL A 136 -28.70 -1.00 -0.29
N ILE A 137 -29.08 -1.59 0.83
CA ILE A 137 -30.44 -1.43 1.37
C ILE A 137 -30.35 -1.00 2.83
N ASP A 138 -30.81 0.20 3.12
CA ASP A 138 -30.78 0.71 4.49
C ASP A 138 -32.17 0.62 5.12
N PHE A 139 -32.27 -0.14 6.20
CA PHE A 139 -33.55 -0.27 6.91
C PHE A 139 -33.60 0.70 8.07
N PHE A 140 -34.82 1.12 8.41
CA PHE A 140 -34.99 2.16 9.43
C PHE A 140 -35.93 1.70 10.54
N LYS A 141 -35.67 2.20 11.73
CA LYS A 141 -36.55 2.00 12.86
C LYS A 141 -36.71 3.30 13.57
N ASP A 142 -37.93 3.68 13.85
CA ASP A 142 -38.25 4.98 14.46
C ASP A 142 -37.53 6.09 13.72
N ASN A 143 -37.56 6.00 12.39
CA ASN A 143 -36.97 6.97 11.47
C ASN A 143 -35.45 7.14 11.65
N LYS A 144 -34.80 6.17 12.29
CA LYS A 144 -33.34 6.13 12.37
C LYS A 144 -32.84 4.87 11.67
N ARG A 145 -31.67 4.94 11.04
CA ARG A 145 -31.11 3.78 10.35
C ARG A 145 -30.53 2.79 11.34
N ILE A 146 -30.85 1.52 11.15
CA ILE A 146 -30.40 0.47 12.06
C ILE A 146 -29.55 -0.58 11.35
N GLU A 147 -29.87 -0.85 10.09
CA GLU A 147 -29.17 -1.89 9.34
C GLU A 147 -28.90 -1.51 7.89
N ARG A 148 -27.80 -2.05 7.35
CA ARG A 148 -27.52 -1.94 5.92
C ARG A 148 -27.11 -3.28 5.33
N PHE A 149 -27.86 -3.76 4.36
CA PHE A 149 -27.47 -4.95 3.62
C PHE A 149 -26.72 -4.52 2.36
N SER A 150 -25.54 -5.10 2.14
CA SER A 150 -24.75 -4.78 0.95
C SER A 150 -24.80 -5.91 -0.06
N PHE A 151 -25.06 -5.58 -1.32
CA PHE A 151 -25.21 -6.56 -2.38
C PHE A 151 -24.10 -6.48 -3.41
N ILE A 152 -23.72 -7.63 -3.98
CA ILE A 152 -22.88 -7.69 -5.16
C ILE A 152 -23.44 -8.76 -6.09
N ASP A 153 -23.82 -8.36 -7.31
CA ASP A 153 -24.47 -9.25 -8.26
C ASP A 153 -25.70 -9.92 -7.64
N ASN A 154 -26.56 -9.08 -7.04
CA ASN A 154 -27.81 -9.51 -6.39
C ASN A 154 -27.62 -10.46 -5.21
N LYS A 155 -26.40 -10.54 -4.69
CA LYS A 155 -26.13 -11.42 -3.55
C LYS A 155 -25.57 -10.65 -2.36
N VAL A 156 -26.09 -10.96 -1.17
CA VAL A 156 -25.66 -10.32 0.07
C VAL A 156 -24.32 -10.87 0.52
N HIS A 157 -23.39 -9.98 0.87
CA HIS A 157 -22.10 -10.42 1.41
C HIS A 157 -21.83 -9.77 2.77
N MET A 158 -22.54 -8.69 3.08
CA MET A 158 -22.35 -8.01 4.35
C MET A 158 -23.64 -7.37 4.88
N LYS A 159 -23.82 -7.44 6.20
CA LYS A 159 -24.86 -6.68 6.88
C LYS A 159 -24.21 -5.82 7.95
N GLU A 160 -24.50 -4.51 7.92
CA GLU A 160 -23.95 -3.60 8.92
C GLU A 160 -25.04 -3.10 9.85
N THR A 161 -24.68 -2.87 11.11
CA THR A 161 -25.63 -2.40 12.12
C THR A 161 -25.19 -1.04 12.63
N PHE A 162 -26.15 -0.15 12.89
CA PHE A 162 -25.81 1.23 13.26
C PHE A 162 -26.35 1.60 14.63
N ASN A 163 -25.57 2.39 15.38
CA ASN A 163 -25.97 2.82 16.71
C ASN A 163 -26.81 4.09 16.67
N VAL A 164 -26.88 4.78 17.81
CA VAL A 164 -27.72 5.97 17.95
C VAL A 164 -27.13 7.17 17.20
N ASP A 165 -25.82 7.17 16.99
CA ASP A 165 -25.16 8.26 16.29
C ASP A 165 -24.99 7.92 14.80
N ASN A 166 -25.69 6.88 14.36
CA ASN A 166 -25.61 6.39 12.98
C ASN A 166 -24.20 5.98 12.58
N LYS A 167 -23.58 5.15 13.42
CA LYS A 167 -22.25 4.61 13.14
C LYS A 167 -22.25 3.09 13.32
N VAL A 168 -21.39 2.42 12.57
CA VAL A 168 -21.32 0.95 12.59
C VAL A 168 -20.80 0.42 13.92
N CYS A 169 -21.51 -0.56 14.48
CA CYS A 169 -21.13 -1.18 15.74
C CYS A 169 -21.12 -2.70 15.62
N TYR A 170 -21.47 -3.20 14.44
CA TYR A 170 -21.55 -4.64 14.21
C TYR A 170 -21.53 -4.96 12.72
N GLN A 171 -20.81 -6.01 12.35
CA GLN A 171 -20.74 -6.47 10.97
C GLN A 171 -21.02 -7.96 10.89
N VAL A 172 -21.59 -8.39 9.77
CA VAL A 172 -21.81 -9.81 9.51
C VAL A 172 -21.40 -10.09 8.08
N PHE A 173 -20.73 -11.22 7.85
CA PHE A 173 -20.29 -11.57 6.51
C PHE A 173 -20.98 -12.85 6.05
N TYR A 174 -21.58 -12.82 4.86
CA TYR A 174 -22.31 -13.96 4.32
C TYR A 174 -21.51 -14.62 3.20
N ASP A 175 -21.53 -15.95 3.14
CA ASP A 175 -20.82 -16.65 2.09
C ASP A 175 -21.55 -16.52 0.76
N GLU A 176 -21.07 -17.23 -0.26
CA GLU A 176 -21.63 -17.12 -1.60
C GLU A 176 -22.97 -17.84 -1.75
N LYS A 177 -23.48 -18.38 -0.65
CA LYS A 177 -24.78 -19.02 -0.63
C LYS A 177 -25.73 -18.29 0.31
N GLY A 178 -25.22 -17.23 0.95
CA GLY A 178 -26.05 -16.39 1.80
C GLY A 178 -26.06 -16.77 3.27
N TYR A 179 -25.11 -17.60 3.70
CA TYR A 179 -25.01 -17.97 5.11
C TYR A 179 -23.92 -17.17 5.82
N PRO A 180 -24.25 -16.66 7.01
CA PRO A 180 -23.27 -15.92 7.82
C PRO A 180 -22.17 -16.84 8.35
N TYR A 181 -20.91 -16.45 8.16
CA TYR A 181 -19.79 -17.26 8.64
C TYR A 181 -18.97 -16.51 9.69
N ILE A 182 -18.98 -15.19 9.62
CA ILE A 182 -18.26 -14.35 10.57
C ILE A 182 -19.05 -13.08 10.93
N SER A 183 -19.10 -12.78 12.22
CA SER A 183 -19.66 -11.51 12.70
C SER A 183 -18.70 -10.93 13.72
N ARG A 184 -18.71 -9.60 13.89
CA ARG A 184 -17.78 -8.96 14.80
C ARG A 184 -18.25 -7.60 15.30
N ASN A 185 -17.84 -7.24 16.52
CA ASN A 185 -18.19 -5.96 17.09
C ASN A 185 -17.25 -4.86 16.62
N ILE A 186 -17.78 -3.66 16.42
CA ILE A 186 -16.99 -2.52 16.00
C ILE A 186 -17.14 -1.37 17.01
N ASN A 187 -16.02 -0.85 17.49
CA ASN A 187 -16.06 0.31 18.38
C ASN A 187 -16.32 1.56 17.54
N ALA A 188 -17.53 2.08 17.60
CA ALA A 188 -17.96 3.21 16.78
C ALA A 188 -17.09 4.46 16.98
N ASN A 189 -16.53 4.59 18.18
CA ASN A 189 -15.73 5.76 18.52
C ASN A 189 -14.43 5.88 17.73
N ASN A 190 -13.82 4.75 17.39
CA ASN A 190 -12.56 4.75 16.64
C ASN A 190 -12.54 3.77 15.47
N GLY A 191 -13.54 2.91 15.38
CA GLY A 191 -13.59 1.94 14.29
C GLY A 191 -12.73 0.73 14.52
N ALA A 192 -12.23 0.58 15.75
CA ALA A 192 -11.41 -0.57 16.10
C ALA A 192 -12.26 -1.84 16.15
N VAL A 193 -11.71 -2.96 15.67
CA VAL A 193 -12.43 -4.23 15.68
C VAL A 193 -12.29 -4.93 17.03
N GLY A 194 -13.41 -5.29 17.63
CA GLY A 194 -13.40 -5.98 18.90
C GLY A 194 -13.65 -7.46 18.76
N LYS A 195 -14.51 -8.00 19.61
CA LYS A 195 -14.85 -9.42 19.60
C LYS A 195 -15.29 -9.92 18.22
N THR A 196 -14.68 -11.02 17.79
CA THR A 196 -14.96 -11.60 16.48
C THR A 196 -15.45 -13.03 16.62
N TYR A 197 -16.66 -13.29 16.12
CA TYR A 197 -17.26 -14.62 16.25
C TYR A 197 -17.24 -15.36 14.93
N VAL A 198 -16.51 -16.47 14.88
CA VAL A 198 -16.52 -17.34 13.70
C VAL A 198 -17.70 -18.30 13.83
N LEU A 199 -18.81 -17.93 13.20
CA LEU A 199 -20.07 -18.65 13.33
C LEU A 199 -20.02 -20.05 12.71
N VAL A 200 -19.24 -20.21 11.65
CA VAL A 200 -19.17 -21.46 10.92
C VAL A 200 -18.45 -22.55 11.74
N ASN A 201 -17.55 -22.13 12.61
CA ASN A 201 -16.85 -23.07 13.47
C ASN A 201 -17.21 -22.92 14.95
N LYS A 202 -18.21 -22.08 15.22
CA LYS A 202 -18.70 -21.84 16.58
C LYS A 202 -17.58 -21.47 17.55
N LYS A 203 -16.70 -20.59 17.12
CA LYS A 203 -15.56 -20.16 17.94
C LYS A 203 -15.52 -18.65 18.04
N GLU A 204 -15.10 -18.14 19.20
CA GLU A 204 -15.02 -16.71 19.41
C GLU A 204 -13.58 -16.26 19.55
N PHE A 205 -13.32 -15.00 19.24
CA PHE A 205 -11.99 -14.46 19.32
C PHE A 205 -12.01 -13.06 19.92
N LYS A 206 -11.06 -12.78 20.82
CA LYS A 206 -10.96 -11.51 21.51
C LYS A 206 -10.98 -10.32 20.54
N ASN A 207 -10.16 -10.41 19.49
CA ASN A 207 -10.10 -9.36 18.48
C ASN A 207 -9.65 -9.91 17.12
N ASN A 208 -9.31 -9.00 16.20
CA ASN A 208 -8.84 -9.41 14.89
C ASN A 208 -7.44 -10.02 14.96
N LEU A 209 -6.65 -9.57 15.92
CA LEU A 209 -5.30 -10.11 16.13
C LEU A 209 -5.35 -11.58 16.48
N ALA A 210 -6.20 -11.93 17.45
CA ALA A 210 -6.36 -13.32 17.86
C ALA A 210 -6.93 -14.18 16.75
N LEU A 211 -7.68 -13.57 15.84
CA LEU A 211 -8.31 -14.28 14.73
C LEU A 211 -7.30 -14.63 13.64
N CYS A 212 -6.44 -13.67 13.30
CA CYS A 212 -5.47 -13.87 12.23
C CYS A 212 -4.29 -14.74 12.65
N VAL A 213 -3.97 -14.74 13.95
CA VAL A 213 -2.97 -15.65 14.49
C VAL A 213 -3.44 -17.08 14.32
N TYR A 214 -4.68 -17.33 14.74
CA TYR A 214 -5.32 -18.63 14.55
C TYR A 214 -5.38 -19.00 13.07
N TYR A 215 -5.60 -18.00 12.22
CA TYR A 215 -5.71 -18.20 10.79
C TYR A 215 -4.38 -18.61 10.16
N LEU A 216 -3.30 -17.99 10.59
CA LEU A 216 -1.97 -18.29 10.04
C LEU A 216 -1.50 -19.70 10.43
N GLU A 217 -1.91 -20.16 11.61
CA GLU A 217 -1.57 -21.51 12.08
C GLU A 217 -2.33 -22.57 11.30
N LYS A 218 -3.38 -22.13 10.60
CA LYS A 218 -4.16 -23.00 9.71
C LYS A 218 -3.64 -22.89 8.28
N LEU A 219 -3.37 -21.67 7.87
CA LEU A 219 -2.91 -21.38 6.51
C LEU A 219 -1.49 -21.88 6.26
N ILE A 220 -0.61 -21.66 7.23
CA ILE A 220 0.81 -21.92 7.04
C ILE A 220 1.29 -23.15 7.82
N LYS A 221 1.63 -24.21 7.07
CA LYS A 221 2.17 -25.45 7.63
C LYS A 221 3.39 -25.18 8.52
N ASP A 222 3.41 -25.75 9.72
CA ASP A 222 4.54 -25.54 10.62
C ASP A 222 5.74 -26.37 10.20
N SER A 223 6.36 -25.97 9.08
CA SER A 223 7.55 -26.63 8.56
C SER A 223 8.64 -25.59 8.30
N LYS A 224 9.89 -26.04 8.26
CA LYS A 224 11.00 -25.14 7.98
C LYS A 224 10.98 -24.68 6.52
N ASP A 225 10.12 -25.30 5.72
CA ASP A 225 9.92 -24.90 4.34
C ASP A 225 8.96 -23.72 4.26
N SER A 226 8.22 -23.48 5.34
CA SER A 226 7.30 -22.34 5.40
C SER A 226 8.03 -21.10 5.90
N ILE A 227 7.96 -20.03 5.13
CA ILE A 227 8.65 -18.79 5.45
C ILE A 227 7.68 -17.61 5.51
N MET A 228 7.61 -16.95 6.68
CA MET A 228 6.74 -15.79 6.83
C MET A 228 7.54 -14.49 6.73
N ILE A 229 7.07 -13.59 5.87
CA ILE A 229 7.71 -12.29 5.68
C ILE A 229 6.70 -11.19 5.93
N CYS A 230 6.95 -10.37 6.94
CA CYS A 230 6.02 -9.29 7.30
C CYS A 230 6.57 -7.94 6.86
N ASP A 231 6.00 -7.40 5.79
CA ASP A 231 6.39 -6.09 5.28
C ASP A 231 5.78 -4.98 6.14
N GLY A 232 4.45 -4.90 6.12
CA GLY A 232 3.74 -3.93 6.92
C GLY A 232 4.04 -4.07 8.40
N PRO A 233 4.30 -2.93 9.07
CA PRO A 233 4.62 -2.94 10.49
C PRO A 233 3.40 -3.22 11.35
N GLY A 234 2.22 -3.01 10.78
CA GLY A 234 0.98 -3.20 11.50
C GLY A 234 0.50 -4.64 11.51
N SER A 235 1.23 -5.51 10.82
CA SER A 235 0.87 -6.93 10.76
C SER A 235 1.84 -7.79 11.56
N PHE A 236 2.92 -7.19 12.04
CA PHE A 236 3.96 -7.92 12.77
C PHE A 236 3.46 -8.69 14.01
N PRO A 237 2.55 -8.10 14.80
CA PRO A 237 2.04 -8.89 15.92
C PRO A 237 1.36 -10.19 15.49
N LYS A 238 0.74 -10.19 14.32
CA LYS A 238 0.06 -11.37 13.81
C LYS A 238 1.04 -12.51 13.52
N MET A 239 2.20 -12.16 12.97
CA MET A 239 3.23 -13.14 12.66
C MET A 239 3.99 -13.59 13.91
N PHE A 240 4.19 -12.65 14.83
CA PHE A 240 5.03 -12.89 15.99
C PHE A 240 4.37 -13.78 17.05
N ASN A 241 3.04 -13.72 17.14
CA ASN A 241 2.34 -14.40 18.23
C ASN A 241 1.82 -15.79 17.86
N THR A 242 2.14 -16.27 16.67
CA THR A 242 1.77 -17.62 16.26
C THR A 242 2.61 -18.65 17.02
N ASN A 243 2.07 -19.86 17.19
CA ASN A 243 2.80 -20.92 17.89
C ASN A 243 3.60 -21.79 16.94
N HIS A 244 4.10 -21.18 15.86
CA HIS A 244 4.99 -21.87 14.94
C HIS A 244 6.32 -22.15 15.62
N LYS A 245 6.80 -23.38 15.50
CA LYS A 245 8.08 -23.77 16.10
C LYS A 245 9.15 -23.96 15.02
N ASN A 246 8.72 -24.44 13.86
CA ASN A 246 9.65 -24.71 12.76
C ASN A 246 9.66 -23.62 11.69
N ALA A 247 8.48 -23.07 11.39
CA ALA A 247 8.35 -22.04 10.36
C ALA A 247 9.21 -20.81 10.64
N GLN A 248 9.68 -20.16 9.58
CA GLN A 248 10.56 -19.01 9.72
C GLN A 248 9.78 -17.70 9.68
N LYS A 249 10.23 -16.71 10.46
CA LYS A 249 9.60 -15.41 10.49
C LYS A 249 10.62 -14.31 10.22
N TYR A 250 10.37 -13.50 9.20
CA TYR A 250 11.28 -12.41 8.85
C TYR A 250 10.54 -11.09 8.78
N GLY A 251 10.87 -10.16 9.68
CA GLY A 251 10.28 -8.84 9.66
C GLY A 251 11.08 -7.90 8.79
N VAL A 252 10.44 -7.31 7.78
CA VAL A 252 11.12 -6.39 6.88
C VAL A 252 10.71 -4.95 7.17
N ILE A 253 11.62 -4.19 7.77
CA ILE A 253 11.38 -2.77 8.03
C ILE A 253 11.71 -1.97 6.77
N HIS A 254 10.75 -1.16 6.34
CA HIS A 254 10.91 -0.42 5.09
C HIS A 254 11.37 1.02 5.33
N VAL A 255 11.13 1.55 6.52
CA VAL A 255 11.33 2.97 6.77
C VAL A 255 12.47 3.26 7.77
N ASN A 256 12.73 4.54 7.98
CA ASN A 256 13.68 4.97 9.00
C ASN A 256 13.08 4.69 10.37
N HIS A 257 13.86 4.04 11.23
CA HIS A 257 13.40 3.73 12.59
C HIS A 257 13.63 4.92 13.52
N HIS A 258 13.74 6.12 12.96
CA HIS A 258 13.88 7.33 13.75
C HIS A 258 12.61 8.14 13.70
N GLU A 259 12.18 8.64 14.86
CA GLU A 259 10.97 9.45 14.95
C GLU A 259 11.08 10.67 14.04
N ASN A 260 10.00 10.97 13.33
CA ASN A 260 10.00 12.09 12.40
C ASN A 260 10.08 13.43 13.13
N PHE A 261 11.07 14.25 12.74
CA PHE A 261 11.25 15.59 13.27
C PHE A 261 11.47 15.61 14.79
N ASP A 262 12.19 14.61 15.29
CA ASP A 262 12.55 14.56 16.70
C ASP A 262 14.06 14.38 16.87
N ASP A 263 14.68 15.32 17.57
CA ASP A 263 16.12 15.31 17.79
C ASP A 263 16.48 14.69 19.14
N THR A 264 15.53 13.97 19.74
CA THR A 264 15.71 13.39 21.06
C THR A 264 16.59 12.14 21.01
N GLY A 265 16.49 11.40 19.90
CA GLY A 265 17.15 10.11 19.80
C GLY A 265 16.10 9.03 20.02
N ALA A 266 14.85 9.41 19.82
CA ALA A 266 13.73 8.49 19.99
C ALA A 266 13.36 7.84 18.66
N PHE A 267 12.77 6.65 18.74
CA PHE A 267 12.44 5.88 17.55
C PHE A 267 10.94 5.86 17.31
N LYS A 268 10.53 5.28 16.18
CA LYS A 268 9.11 4.98 15.97
C LYS A 268 8.70 3.89 16.94
N LYS A 269 7.49 4.01 17.47
CA LYS A 269 7.03 3.08 18.51
C LYS A 269 6.92 1.65 18.00
N SER A 270 6.33 1.47 16.83
CA SER A 270 6.15 0.14 16.26
C SER A 270 7.46 -0.43 15.69
N GLU A 271 8.15 0.39 14.89
CA GLU A 271 9.40 -0.03 14.26
C GLU A 271 10.50 -0.39 15.26
N LYS A 272 10.31 -0.01 16.53
CA LYS A 272 11.26 -0.36 17.57
C LYS A 272 10.90 -1.71 18.20
N TYR A 273 9.60 -1.94 18.39
CA TYR A 273 9.11 -3.21 18.94
C TYR A 273 9.61 -4.39 18.13
N ILE A 274 9.64 -4.22 16.81
CA ILE A 274 10.18 -5.21 15.89
C ILE A 274 11.67 -5.45 16.18
N ILE A 275 12.42 -4.35 16.27
CA ILE A 275 13.86 -4.41 16.53
C ILE A 275 14.20 -5.08 17.85
N GLU A 276 13.47 -4.69 18.91
CA GLU A 276 13.70 -5.25 20.25
C GLU A 276 13.60 -6.77 20.28
N ASN A 277 12.69 -7.31 19.47
CA ASN A 277 12.39 -8.73 19.48
C ASN A 277 13.01 -9.48 18.30
N ALA A 278 14.07 -8.91 17.73
CA ALA A 278 14.74 -9.53 16.59
C ALA A 278 15.38 -10.87 16.95
N ASN A 279 15.81 -11.00 18.21
CA ASN A 279 16.43 -12.23 18.68
C ASN A 279 15.44 -13.36 18.96
N LYS A 280 14.15 -13.06 18.78
CA LYS A 280 13.12 -14.08 19.01
C LYS A 280 12.58 -14.65 17.70
N ILE A 281 12.69 -13.88 16.61
CA ILE A 281 12.34 -14.38 15.29
C ILE A 281 13.61 -14.70 14.50
N ASN A 282 13.46 -14.94 13.21
CA ASN A 282 14.58 -15.37 12.38
C ASN A 282 15.39 -14.19 11.82
N GLY A 283 15.11 -12.99 12.33
CA GLY A 283 15.87 -11.81 11.96
C GLY A 283 15.08 -10.73 11.25
N VAL A 284 15.34 -9.48 11.62
CA VAL A 284 14.73 -8.33 10.96
C VAL A 284 15.56 -7.93 9.75
N ILE A 285 14.91 -7.56 8.66
CA ILE A 285 15.63 -7.21 7.44
C ILE A 285 15.43 -5.73 7.10
N VAL A 286 16.54 -5.01 7.01
CA VAL A 286 16.52 -3.60 6.59
C VAL A 286 16.86 -3.51 5.11
N LEU A 287 17.32 -2.36 4.64
CA LEU A 287 17.60 -2.17 3.22
C LEU A 287 19.02 -1.67 2.99
N THR A 288 19.48 -0.78 3.87
CA THR A 288 20.83 -0.24 3.79
C THR A 288 21.70 -0.87 4.87
N GLU A 289 22.97 -1.11 4.54
CA GLU A 289 23.90 -1.67 5.52
C GLU A 289 24.28 -0.60 6.53
N ALA A 290 23.94 0.65 6.20
CA ALA A 290 24.06 1.74 7.14
C ALA A 290 23.04 1.58 8.27
N GLN A 291 21.76 1.48 7.90
CA GLN A 291 20.67 1.33 8.87
C GLN A 291 20.87 0.11 9.76
N ARG A 292 21.51 -0.92 9.20
CA ARG A 292 21.91 -2.06 10.00
C ARG A 292 22.85 -1.57 11.10
N LEU A 293 23.94 -0.93 10.70
CA LEU A 293 24.98 -0.44 11.61
C LEU A 293 24.45 0.54 12.66
N ASP A 294 23.39 1.28 12.33
CA ASP A 294 22.79 2.21 13.28
C ASP A 294 22.05 1.44 14.36
N ILE A 295 21.21 0.50 13.93
CA ILE A 295 20.48 -0.36 14.85
C ILE A 295 21.45 -1.18 15.70
N LEU A 296 22.56 -1.61 15.08
CA LEU A 296 23.64 -2.28 15.80
C LEU A 296 24.11 -1.40 16.95
N ASN A 297 24.25 -0.11 16.67
CA ASN A 297 24.84 0.83 17.60
C ASN A 297 23.79 1.58 18.41
N GLN A 298 22.66 0.92 18.65
CA GLN A 298 21.58 1.49 19.46
C GLN A 298 20.94 0.42 20.33
N PHE A 299 20.66 -0.73 19.71
CA PHE A 299 20.00 -1.83 20.42
C PHE A 299 20.92 -3.03 20.59
N ASP A 300 20.71 -3.78 21.67
CA ASP A 300 21.44 -5.01 21.89
C ASP A 300 20.71 -6.14 21.17
N VAL A 301 20.97 -6.24 19.86
CA VAL A 301 20.39 -7.29 19.02
C VAL A 301 21.43 -7.83 18.05
N GLU A 302 21.64 -9.15 18.07
CA GLU A 302 22.66 -9.79 17.28
C GLU A 302 22.09 -10.42 16.01
N ASN A 303 21.01 -9.83 15.50
CA ASN A 303 20.22 -10.52 14.48
C ASN A 303 19.58 -9.59 13.44
N ILE A 304 20.35 -8.66 12.89
CA ILE A 304 19.84 -7.77 11.85
C ILE A 304 20.57 -8.03 10.52
N PHE A 305 19.83 -7.98 9.42
CA PHE A 305 20.41 -8.25 8.11
C PHE A 305 19.99 -7.20 7.09
N THR A 306 20.87 -6.93 6.13
CA THR A 306 20.59 -5.91 5.11
C THR A 306 20.37 -6.56 3.74
N ILE A 307 19.18 -6.34 3.18
CA ILE A 307 18.87 -6.81 1.84
C ILE A 307 18.13 -5.71 1.09
N SER A 308 18.61 -5.35 -0.10
CA SER A 308 17.98 -4.29 -0.89
C SER A 308 16.73 -4.80 -1.61
N ASN A 309 16.26 -4.03 -2.59
CA ASN A 309 15.03 -4.37 -3.30
C ASN A 309 15.27 -4.76 -4.75
N PHE A 310 14.46 -5.69 -5.25
CA PHE A 310 14.52 -6.07 -6.65
C PHE A 310 14.05 -4.93 -7.53
N VAL A 311 14.80 -4.64 -8.59
CA VAL A 311 14.46 -3.56 -9.50
C VAL A 311 13.96 -4.14 -10.82
N LYS A 312 12.91 -3.55 -11.38
CA LYS A 312 12.41 -3.97 -12.67
C LYS A 312 12.86 -2.97 -13.73
N ILE A 313 13.89 -3.35 -14.49
CA ILE A 313 14.42 -2.50 -15.54
C ILE A 313 13.53 -2.59 -16.78
N HIS A 314 12.48 -1.78 -16.82
CA HIS A 314 11.61 -1.73 -17.98
C HIS A 314 12.30 -1.01 -19.14
N ASN A 315 11.53 -0.50 -20.09
CA ASN A 315 12.16 0.08 -21.27
C ASN A 315 11.94 1.58 -21.42
N ALA A 316 13.06 2.28 -21.64
CA ALA A 316 13.11 3.72 -21.74
C ALA A 316 12.38 4.21 -23.00
N PRO A 317 11.94 5.48 -22.99
CA PRO A 317 11.27 6.10 -24.14
C PRO A 317 12.09 6.01 -25.42
N LYS A 318 11.43 6.18 -26.57
CA LYS A 318 12.13 6.21 -27.84
C LYS A 318 13.00 7.46 -27.93
N HIS A 319 12.55 8.53 -27.27
CA HIS A 319 13.30 9.77 -27.22
C HIS A 319 13.45 10.30 -25.79
N PHE A 320 13.59 11.62 -25.68
CA PHE A 320 13.69 12.28 -24.39
C PHE A 320 12.60 13.33 -24.26
N GLN A 321 12.97 14.50 -23.75
CA GLN A 321 12.07 15.64 -23.74
C GLN A 321 12.89 16.93 -23.80
N THR A 322 12.45 17.87 -24.63
CA THR A 322 13.18 19.10 -24.86
C THR A 322 12.63 20.26 -24.03
N GLU A 323 11.31 20.36 -23.97
CA GLU A 323 10.64 21.44 -23.27
C GLU A 323 10.87 21.38 -21.77
N LYS A 324 11.27 22.52 -21.20
CA LYS A 324 11.67 22.61 -19.79
C LYS A 324 10.59 22.11 -18.84
N ILE A 325 10.44 20.78 -18.79
CA ILE A 325 9.45 20.15 -17.93
C ILE A 325 10.13 19.45 -16.76
N VAL A 326 9.79 19.87 -15.55
CA VAL A 326 10.28 19.23 -14.34
C VAL A 326 9.07 18.65 -13.63
N GLY A 327 9.21 17.44 -13.09
CA GLY A 327 8.07 16.82 -12.43
C GLY A 327 8.37 16.27 -11.05
N HIS A 328 7.36 16.25 -10.20
CA HIS A 328 7.45 15.55 -8.94
C HIS A 328 6.22 14.66 -8.77
N ILE A 329 6.37 13.40 -9.18
CA ILE A 329 5.31 12.42 -9.02
C ILE A 329 5.49 11.66 -7.70
N SER A 330 4.60 11.91 -6.76
CA SER A 330 4.76 11.40 -5.40
C SER A 330 3.46 11.51 -4.62
N ARG A 331 3.43 10.93 -3.43
CA ARG A 331 2.29 11.13 -2.55
C ARG A 331 2.64 12.17 -1.48
N MET A 332 1.82 13.21 -1.40
CA MET A 332 2.12 14.40 -0.61
C MET A 332 2.05 14.16 0.91
N VAL A 333 3.23 14.08 1.53
CA VAL A 333 3.33 13.87 2.98
C VAL A 333 4.45 14.73 3.56
N PRO A 334 4.18 15.41 4.68
CA PRO A 334 5.12 16.31 5.38
C PRO A 334 6.51 15.73 5.65
N THR A 335 6.64 14.41 5.65
CA THR A 335 7.93 13.77 5.93
C THR A 335 8.90 13.93 4.77
N LYS A 336 8.41 14.46 3.65
CA LYS A 336 9.22 14.58 2.44
C LYS A 336 9.78 15.99 2.29
N ARG A 337 9.46 16.86 3.24
CA ARG A 337 9.96 18.24 3.26
C ARG A 337 9.71 18.93 1.92
N ILE A 338 8.51 18.77 1.38
CA ILE A 338 8.13 19.39 0.12
C ILE A 338 8.15 20.90 0.28
N ASP A 339 7.88 21.37 1.51
CA ASP A 339 8.06 22.77 1.85
C ASP A 339 9.49 23.20 1.53
N LEU A 340 10.44 22.29 1.74
CA LEU A 340 11.84 22.57 1.43
C LEU A 340 12.21 22.21 -0.01
N LEU A 341 11.24 22.17 -0.91
CA LEU A 341 11.56 22.03 -2.33
C LEU A 341 10.77 23.00 -3.21
N ILE A 342 9.52 23.29 -2.87
CA ILE A 342 8.74 24.18 -3.74
C ILE A 342 9.30 25.59 -3.61
N GLU A 343 10.05 25.83 -2.55
CA GLU A 343 10.84 27.05 -2.44
C GLU A 343 12.21 26.85 -3.07
N VAL A 344 12.27 26.03 -4.11
CA VAL A 344 13.38 26.04 -5.05
C VAL A 344 12.81 26.29 -6.45
N ALA A 345 11.53 25.96 -6.65
CA ALA A 345 10.84 26.27 -7.90
C ALA A 345 10.86 27.78 -8.11
N GLU A 346 10.27 28.47 -7.14
CA GLU A 346 10.39 29.90 -6.91
C GLU A 346 11.79 30.47 -7.13
N LEU A 347 12.80 29.70 -6.76
CA LEU A 347 14.18 30.15 -6.81
C LEU A 347 14.78 29.90 -8.18
N VAL A 348 14.06 29.12 -8.99
CA VAL A 348 14.47 28.75 -10.34
C VAL A 348 13.82 29.63 -11.42
N VAL A 349 12.49 29.68 -11.41
CA VAL A 349 11.70 30.35 -12.45
C VAL A 349 12.07 31.81 -12.64
N LYS A 350 12.55 32.44 -11.57
CA LYS A 350 12.88 33.86 -11.61
C LYS A 350 14.12 34.11 -12.46
N LYS A 351 14.91 33.06 -12.67
CA LYS A 351 16.07 33.14 -13.54
C LYS A 351 15.78 32.52 -14.90
N ASP A 352 14.63 31.84 -14.99
CA ASP A 352 14.22 31.15 -16.21
C ASP A 352 12.73 30.86 -16.12
N ASN A 353 11.92 31.68 -16.79
CA ASN A 353 10.47 31.63 -16.65
C ASN A 353 9.87 30.44 -17.42
N ALA A 354 10.68 29.80 -18.26
CA ALA A 354 10.19 28.72 -19.11
C ALA A 354 10.27 27.33 -18.46
N VAL A 355 10.88 27.24 -17.29
CA VAL A 355 10.91 25.98 -16.53
C VAL A 355 9.54 25.68 -15.93
N LYS A 356 8.94 24.56 -16.29
CA LYS A 356 7.60 24.21 -15.81
C LYS A 356 7.60 22.98 -14.91
N PHE A 357 6.62 22.92 -13.99
CA PHE A 357 6.53 21.82 -13.04
C PHE A 357 5.18 21.09 -13.13
N HIS A 358 5.23 19.77 -13.24
CA HIS A 358 4.03 18.95 -13.22
C HIS A 358 4.02 18.07 -11.97
N ILE A 359 3.11 18.36 -11.04
CA ILE A 359 3.03 17.58 -9.80
C ILE A 359 1.89 16.56 -9.87
N TYR A 360 2.24 15.29 -9.73
CA TYR A 360 1.25 14.22 -9.76
C TYR A 360 1.07 13.60 -8.38
N GLY A 361 0.17 12.63 -8.28
CA GLY A 361 -0.11 11.98 -7.01
C GLY A 361 -1.01 12.80 -6.12
N GLU A 362 -1.35 12.26 -4.96
CA GLU A 362 -2.21 12.94 -4.00
C GLU A 362 -1.56 12.99 -2.63
N GLY A 363 -2.31 13.44 -1.63
CA GLY A 363 -1.79 13.51 -0.28
C GLY A 363 -2.51 14.52 0.60
N SER A 364 -2.09 14.61 1.85
CA SER A 364 -2.71 15.52 2.81
C SER A 364 -2.25 16.96 2.61
N VAL A 365 -0.97 17.15 2.29
CA VAL A 365 -0.42 18.48 2.11
C VAL A 365 -0.48 18.95 0.67
N LYS A 366 -1.41 18.39 -0.10
CA LYS A 366 -1.64 18.85 -1.46
C LYS A 366 -2.41 20.18 -1.47
N ASP A 367 -3.39 20.28 -0.58
CA ASP A 367 -4.28 21.45 -0.56
C ASP A 367 -3.64 22.71 0.05
N LYS A 368 -2.46 22.57 0.65
CA LYS A 368 -1.78 23.76 1.16
C LYS A 368 -0.53 24.06 0.34
N ILE A 369 -0.11 23.10 -0.47
CA ILE A 369 0.83 23.39 -1.56
C ILE A 369 0.05 24.14 -2.63
N ALA A 370 -1.20 23.72 -2.82
CA ALA A 370 -2.13 24.40 -3.73
C ALA A 370 -2.26 25.87 -3.36
N LYS A 371 -2.81 26.14 -2.18
CA LYS A 371 -2.94 27.51 -1.68
C LYS A 371 -1.60 28.06 -1.20
N MET A 372 -0.59 27.98 -2.08
CA MET A 372 0.77 28.41 -1.74
C MET A 372 1.50 28.83 -3.01
N ILE A 373 1.22 28.12 -4.10
CA ILE A 373 1.80 28.45 -5.39
C ILE A 373 1.07 29.63 -6.02
N GLU A 374 -0.16 29.87 -5.58
CA GLU A 374 -0.98 30.96 -6.09
C GLU A 374 -0.81 32.22 -5.24
N ASP A 375 -0.39 32.03 -3.99
CA ASP A 375 0.00 33.14 -3.13
C ASP A 375 1.21 33.82 -3.75
N LYS A 376 1.92 33.05 -4.57
CA LYS A 376 3.11 33.49 -5.25
C LYS A 376 2.85 33.42 -6.76
N ASN A 377 1.65 32.94 -7.10
CA ASN A 377 1.17 32.90 -8.48
C ASN A 377 2.11 32.16 -9.41
N LEU A 378 2.47 30.95 -9.00
CA LEU A 378 3.25 30.07 -9.83
C LEU A 378 2.31 29.05 -10.49
N GLU A 379 1.02 29.32 -10.39
CA GLU A 379 0.01 28.57 -11.13
C GLU A 379 0.33 28.72 -12.61
N ARG A 380 0.75 29.93 -12.96
CA ARG A 380 1.53 30.22 -14.16
C ARG A 380 2.41 29.07 -14.63
N ASN A 381 3.10 28.46 -13.67
CA ASN A 381 4.25 27.63 -13.96
C ASN A 381 4.23 26.24 -13.31
N VAL A 382 3.62 26.15 -12.13
CA VAL A 382 3.60 24.91 -11.37
C VAL A 382 2.20 24.30 -11.40
N PHE A 383 2.10 23.00 -11.62
CA PHE A 383 0.79 22.36 -11.75
C PHE A 383 0.66 21.10 -10.89
N LEU A 384 -0.42 21.04 -10.10
CA LEU A 384 -0.76 19.83 -9.36
C LEU A 384 -1.73 19.00 -10.19
N LYS A 385 -1.18 18.14 -11.05
CA LYS A 385 -1.98 17.36 -11.99
C LYS A 385 -3.00 16.48 -11.27
N GLY A 386 -2.52 15.40 -10.65
CA GLY A 386 -3.37 14.48 -9.93
C GLY A 386 -2.73 13.11 -9.85
N TYR A 387 -3.44 12.15 -9.27
CA TYR A 387 -2.89 10.80 -9.18
C TYR A 387 -2.82 10.16 -10.56
N THR A 388 -1.66 9.61 -10.90
CA THR A 388 -1.49 8.97 -12.20
C THR A 388 -1.26 7.47 -12.06
N THR A 389 -2.19 6.69 -12.62
CA THR A 389 -2.09 5.24 -12.65
C THR A 389 -1.08 4.81 -13.71
N THR A 390 -0.61 5.77 -14.49
CA THR A 390 0.43 5.53 -15.48
C THR A 390 1.69 6.31 -15.11
N PRO A 391 2.46 5.80 -14.13
CA PRO A 391 3.60 6.53 -13.59
C PRO A 391 4.71 6.75 -14.61
N GLN A 392 4.90 5.78 -15.51
CA GLN A 392 6.00 5.83 -16.46
C GLN A 392 5.69 6.70 -17.69
N LYS A 393 4.44 6.72 -18.12
CA LYS A 393 4.08 7.53 -19.28
C LYS A 393 4.09 9.01 -18.89
N CYS A 394 3.83 9.28 -17.61
CA CYS A 394 3.98 10.62 -17.08
C CYS A 394 5.45 10.89 -16.78
N LEU A 395 6.22 9.82 -16.61
CA LEU A 395 7.65 9.94 -16.34
C LEU A 395 8.45 10.15 -17.62
N GLU A 396 7.92 9.63 -18.73
CA GLU A 396 8.67 9.64 -20.00
C GLU A 396 8.56 10.96 -20.76
N ASP A 397 7.86 11.93 -20.17
CA ASP A 397 7.78 13.26 -20.77
C ASP A 397 8.39 14.30 -19.84
N PHE A 398 9.30 13.84 -18.98
CA PHE A 398 10.08 14.74 -18.13
C PHE A 398 11.48 14.90 -18.72
N LYS A 399 12.14 16.01 -18.37
CA LYS A 399 13.57 16.14 -18.64
C LYS A 399 14.31 15.57 -17.44
N LEU A 400 13.69 15.74 -16.29
CA LEU A 400 14.24 15.29 -15.02
C LEU A 400 13.14 15.28 -13.96
N VAL A 401 13.31 14.43 -12.95
CA VAL A 401 12.36 14.37 -11.85
C VAL A 401 13.03 14.94 -10.59
N VAL A 402 12.24 15.38 -9.62
CA VAL A 402 12.79 15.96 -8.41
C VAL A 402 12.10 15.41 -7.16
N SER A 403 12.84 15.33 -6.06
CA SER A 403 12.30 14.82 -4.81
C SER A 403 13.19 15.16 -3.63
N THR A 404 12.63 15.11 -2.43
CA THR A 404 13.41 15.23 -1.20
C THR A 404 12.70 14.56 -0.05
N SER A 405 13.40 14.44 1.06
CA SER A 405 12.88 13.84 2.29
C SER A 405 13.92 14.00 3.38
N GLN A 406 13.50 13.87 4.63
CA GLN A 406 14.45 13.78 5.73
C GLN A 406 14.47 12.35 6.24
N TYR A 407 13.55 11.54 5.73
CA TYR A 407 13.41 10.15 6.18
C TYR A 407 13.01 9.23 5.03
N GLU A 408 13.85 8.24 4.74
CA GLU A 408 13.57 7.23 3.71
C GLU A 408 14.18 5.88 4.08
N GLY A 409 13.70 4.82 3.43
CA GLY A 409 14.32 3.51 3.56
C GLY A 409 15.40 3.41 2.50
N GLN A 410 15.03 3.73 1.26
CA GLN A 410 15.99 4.09 0.23
C GLN A 410 15.35 4.91 -0.90
N GLY A 411 15.39 4.43 -2.13
CA GLY A 411 15.09 5.31 -3.26
C GLY A 411 14.06 4.95 -4.33
N LEU A 412 13.46 3.76 -4.22
CA LEU A 412 12.31 3.32 -5.03
C LEU A 412 11.89 4.22 -6.20
N SER A 413 11.34 5.37 -5.82
CA SER A 413 10.70 6.29 -6.74
C SER A 413 11.73 7.11 -7.52
N MET A 414 12.93 7.24 -6.96
CA MET A 414 14.00 7.95 -7.63
C MET A 414 14.73 7.00 -8.58
N ILE A 415 14.86 5.75 -8.16
CA ILE A 415 15.55 4.72 -8.95
C ILE A 415 14.81 4.41 -10.25
N GLU A 416 13.52 4.11 -10.15
CA GLU A 416 12.72 3.72 -11.30
C GLU A 416 12.53 4.87 -12.29
N ALA A 417 12.92 6.07 -11.89
CA ALA A 417 12.90 7.22 -12.78
C ALA A 417 14.21 7.32 -13.55
N MET A 418 15.29 6.89 -12.91
CA MET A 418 16.61 6.88 -13.55
C MET A 418 16.66 5.91 -14.72
N ILE A 419 15.83 4.87 -14.67
CA ILE A 419 15.71 3.90 -15.76
C ILE A 419 15.23 4.59 -17.03
N SER A 420 14.21 5.43 -16.89
CA SER A 420 13.59 6.10 -18.02
C SER A 420 14.38 7.31 -18.51
N LYS A 421 15.71 7.24 -18.38
CA LYS A 421 16.60 8.28 -18.89
C LYS A 421 16.33 9.64 -18.23
N ARG A 422 16.14 9.64 -16.92
CA ARG A 422 15.84 10.88 -16.21
C ARG A 422 16.77 11.11 -15.03
N PRO A 423 17.55 12.20 -15.08
CA PRO A 423 18.44 12.60 -13.99
C PRO A 423 17.70 13.27 -12.83
N VAL A 424 17.41 12.51 -11.78
CA VAL A 424 16.68 13.06 -10.64
C VAL A 424 17.57 13.96 -9.77
N VAL A 425 16.93 14.86 -9.02
CA VAL A 425 17.64 15.77 -8.13
C VAL A 425 17.10 15.66 -6.71
N ALA A 426 17.95 15.26 -5.77
CA ALA A 426 17.51 15.02 -4.40
C ALA A 426 18.60 15.31 -3.37
N PHE A 427 18.21 15.31 -2.10
CA PHE A 427 19.14 15.60 -1.01
C PHE A 427 19.82 14.33 -0.50
N ASP A 428 20.93 14.49 0.22
CA ASP A 428 21.54 13.36 0.91
C ASP A 428 20.96 13.29 2.31
N ILE A 429 20.54 12.10 2.71
CA ILE A 429 19.62 11.92 3.82
C ILE A 429 20.10 10.73 4.67
N LYS A 430 19.37 10.40 5.73
CA LYS A 430 19.54 9.14 6.43
C LYS A 430 18.84 8.03 5.64
N TYR A 431 19.63 7.08 5.13
CA TYR A 431 19.14 5.91 4.40
C TYR A 431 18.43 6.30 3.10
N GLY A 432 19.12 6.15 1.97
CA GLY A 432 18.51 6.44 0.70
C GLY A 432 19.44 6.60 -0.49
N PRO A 433 19.42 7.80 -1.10
CA PRO A 433 20.08 8.12 -2.36
C PRO A 433 21.53 8.60 -2.24
N SER A 434 22.27 8.03 -1.30
CA SER A 434 23.70 8.31 -1.21
C SER A 434 24.47 7.30 -2.05
N ASP A 435 23.75 6.37 -2.68
CA ASP A 435 24.37 5.24 -3.35
C ASP A 435 23.96 5.08 -4.82
N PHE A 436 22.72 5.40 -5.15
CA PHE A 436 22.28 5.26 -6.54
C PHE A 436 22.24 6.59 -7.29
N ILE A 437 22.62 7.67 -6.63
CA ILE A 437 22.87 8.95 -7.30
C ILE A 437 24.34 9.34 -7.17
N GLU A 438 25.03 9.43 -8.30
CA GLU A 438 26.39 9.92 -8.35
C GLU A 438 26.38 11.36 -8.86
N ASP A 439 26.71 12.31 -7.99
CA ASP A 439 26.53 13.72 -8.29
C ASP A 439 27.51 14.18 -9.37
N ASN A 440 27.02 15.04 -10.26
CA ASN A 440 27.79 15.54 -11.41
C ASN A 440 28.30 14.42 -12.30
N LYS A 441 27.54 13.33 -12.37
CA LYS A 441 27.87 12.21 -13.24
C LYS A 441 26.66 11.73 -14.02
N ASN A 442 25.52 11.59 -13.33
CA ASN A 442 24.28 11.19 -14.00
C ASN A 442 23.07 11.82 -13.32
N GLY A 443 23.33 12.48 -12.19
CA GLY A 443 22.31 13.15 -11.42
C GLY A 443 22.91 14.24 -10.55
N TYR A 444 22.19 14.65 -9.52
CA TYR A 444 22.64 15.71 -8.62
C TYR A 444 22.21 15.44 -7.17
N LEU A 445 23.10 15.73 -6.22
CA LEU A 445 22.75 15.63 -4.81
C LEU A 445 23.22 16.88 -4.06
N ILE A 446 22.39 17.32 -3.12
CA ILE A 446 22.66 18.54 -2.36
C ILE A 446 22.44 18.25 -0.88
N GLU A 447 23.10 19.00 0.00
CA GLU A 447 22.80 18.91 1.42
C GLU A 447 21.36 19.34 1.63
N ASN A 448 20.65 18.66 2.54
CA ASN A 448 19.21 18.88 2.70
C ASN A 448 18.85 20.22 3.34
N HIS A 449 19.60 21.26 3.01
CA HIS A 449 19.37 22.59 3.55
C HIS A 449 19.62 23.66 2.50
N ASN A 450 20.75 23.58 1.81
CA ASN A 450 21.08 24.52 0.74
C ASN A 450 20.02 24.48 -0.35
N ILE A 451 18.92 25.17 -0.10
CA ILE A 451 17.71 25.05 -0.92
C ILE A 451 17.82 25.72 -2.29
N ASN A 452 18.83 26.58 -2.47
CA ASN A 452 19.02 27.20 -3.77
C ASN A 452 20.23 26.62 -4.52
N ASP A 453 21.01 25.79 -3.86
CA ASP A 453 22.05 25.02 -4.56
C ASP A 453 21.38 24.01 -5.47
N MET A 454 20.28 23.43 -5.00
CA MET A 454 19.45 22.58 -5.83
C MET A 454 18.86 23.42 -6.96
N ALA A 455 18.42 24.62 -6.62
CA ALA A 455 17.91 25.56 -7.61
C ALA A 455 19.00 25.98 -8.58
N ASP A 456 20.25 25.88 -8.14
CA ASP A 456 21.37 26.14 -9.03
C ASP A 456 21.56 24.98 -10.00
N LYS A 457 21.44 23.74 -9.50
CA LYS A 457 21.70 22.55 -10.30
C LYS A 457 20.70 22.32 -11.44
N ILE A 458 19.42 22.58 -11.17
CA ILE A 458 18.38 22.43 -12.18
C ILE A 458 18.69 23.25 -13.43
N LEU A 459 19.10 24.49 -13.24
CA LEU A 459 19.42 25.39 -14.34
C LEU A 459 20.68 24.96 -15.09
N GLN A 460 21.47 24.08 -14.48
CA GLN A 460 22.64 23.53 -15.14
C GLN A 460 22.24 22.35 -16.02
N LEU A 461 20.95 22.02 -16.01
CA LEU A 461 20.47 20.84 -16.72
C LEU A 461 19.33 21.14 -17.67
N VAL A 462 18.32 21.86 -17.20
CA VAL A 462 17.16 22.15 -18.03
C VAL A 462 17.49 23.10 -19.18
N ASN A 463 18.54 23.88 -19.00
CA ASN A 463 19.01 24.80 -20.05
C ASN A 463 20.09 24.16 -20.90
N ASN A 464 20.31 22.86 -20.68
CA ASN A 464 21.30 22.09 -21.42
C ASN A 464 20.75 20.71 -21.78
N ASP A 465 19.83 20.69 -22.75
CA ASP A 465 19.12 19.46 -23.13
C ASP A 465 20.05 18.39 -23.71
N VAL A 466 21.26 18.80 -24.12
CA VAL A 466 22.26 17.86 -24.61
C VAL A 466 23.09 17.32 -23.46
N LEU A 467 23.00 17.95 -22.31
CA LEU A 467 23.68 17.47 -21.11
C LEU A 467 22.68 16.79 -20.18
N ALA A 468 21.40 17.03 -20.44
CA ALA A 468 20.33 16.38 -19.69
C ALA A 468 19.90 15.09 -20.39
N ALA A 469 20.84 14.49 -21.12
CA ALA A 469 20.60 13.25 -21.84
C ALA A 469 21.70 12.24 -21.56
N GLU A 470 22.94 12.70 -21.63
CA GLU A 470 24.09 11.89 -21.25
C GLU A 470 23.97 11.47 -19.78
N PHE A 471 23.52 12.39 -18.94
CA PHE A 471 23.26 12.10 -17.54
C PHE A 471 22.11 11.12 -17.38
N GLY A 472 21.21 11.09 -18.36
CA GLY A 472 20.11 10.15 -18.35
C GLY A 472 20.54 8.76 -18.81
N SER A 473 21.39 8.70 -19.83
CA SER A 473 21.88 7.43 -20.35
C SER A 473 22.95 6.85 -19.42
N LYS A 474 23.53 7.69 -18.57
CA LYS A 474 24.44 7.22 -17.55
C LYS A 474 23.68 6.89 -16.28
N ALA A 475 22.38 7.18 -16.27
CA ALA A 475 21.52 6.77 -15.17
C ALA A 475 21.13 5.31 -15.33
N ARG A 476 20.48 4.97 -16.44
CA ARG A 476 20.00 3.61 -16.64
C ARG A 476 21.10 2.56 -16.56
N GLU A 477 22.20 2.78 -17.27
CA GLU A 477 23.30 1.82 -17.24
C GLU A 477 23.98 1.81 -15.87
N ASN A 478 23.65 2.79 -15.04
CA ASN A 478 24.13 2.82 -13.66
C ASN A 478 23.33 1.84 -12.78
N ILE A 479 22.00 1.91 -12.86
CA ILE A 479 21.14 1.02 -12.08
C ILE A 479 21.41 -0.44 -12.40
N ILE A 480 21.44 -0.74 -13.70
CA ILE A 480 21.48 -2.10 -14.22
C ILE A 480 22.57 -2.99 -13.62
N GLU A 481 23.81 -2.53 -13.65
CA GLU A 481 24.94 -3.36 -13.22
C GLU A 481 25.24 -3.27 -11.72
N LYS A 482 24.61 -2.36 -11.01
CA LYS A 482 25.00 -2.09 -9.63
C LYS A 482 24.50 -3.09 -8.59
N TYR A 483 23.21 -3.41 -8.61
CA TYR A 483 22.67 -4.32 -7.60
C TYR A 483 22.14 -5.64 -8.18
N SER A 484 21.63 -5.59 -9.41
CA SER A 484 21.06 -6.76 -10.09
C SER A 484 19.97 -7.45 -9.28
N THR A 485 19.79 -8.74 -9.51
CA THR A 485 18.82 -9.54 -8.77
C THR A 485 19.49 -10.72 -8.08
N GLU A 486 20.38 -11.39 -8.81
CA GLU A 486 21.10 -12.55 -8.29
C GLU A 486 21.85 -12.25 -7.00
N SER A 487 22.48 -11.08 -6.95
CA SER A 487 23.16 -10.62 -5.74
C SER A 487 22.17 -10.49 -4.58
N ILE A 488 20.98 -10.00 -4.89
CA ILE A 488 19.92 -9.84 -3.89
C ILE A 488 19.23 -11.17 -3.57
N LEU A 489 18.95 -11.95 -4.61
CA LEU A 489 18.23 -13.21 -4.44
C LEU A 489 18.99 -14.18 -3.52
N GLU A 490 20.31 -14.26 -3.69
CA GLU A 490 21.11 -15.19 -2.91
C GLU A 490 21.22 -14.72 -1.46
N LYS A 491 21.01 -13.42 -1.24
CA LYS A 491 20.88 -12.89 0.11
C LYS A 491 19.71 -13.55 0.84
N TRP A 492 18.57 -13.65 0.14
CA TRP A 492 17.36 -14.24 0.71
C TRP A 492 17.50 -15.72 1.01
N LEU A 493 17.98 -16.50 0.03
CA LEU A 493 18.07 -17.94 0.18
C LEU A 493 19.03 -18.37 1.29
N ASN A 494 20.16 -17.67 1.41
CA ASN A 494 21.14 -18.01 2.44
C ASN A 494 20.59 -17.74 3.83
N LEU A 495 19.66 -16.80 3.92
CA LEU A 495 18.91 -16.57 5.16
C LEU A 495 17.94 -17.73 5.40
N PHE A 496 17.28 -18.17 4.33
CA PHE A 496 16.33 -19.28 4.40
C PHE A 496 17.05 -20.57 4.79
N ASN A 497 18.05 -20.95 4.00
CA ASN A 497 18.86 -22.12 4.28
C ASN A 497 19.85 -21.85 5.41
N SER A 498 19.52 -22.32 6.62
CA SER A 498 20.36 -22.10 7.80
C SER A 498 20.02 -23.09 8.89
C1' UD1 B . 8.75 4.49 0.74
C2' UD1 B . 9.83 3.49 1.16
C3' UD1 B . 10.17 3.59 2.65
C4' UD1 B . 10.40 5.04 3.02
C5' UD1 B . 9.14 5.83 2.72
C6' UD1 B . 9.25 7.26 3.22
C7' UD1 B . 10.42 1.18 0.57
C8' UD1 B . 9.97 -0.07 -0.11
N2' UD1 B . 9.49 2.11 0.81
O1' UD1 B . 7.44 4.01 1.02
O3' UD1 B . 11.37 2.86 2.86
O4' UD1 B . 10.77 5.15 4.41
O5' UD1 B . 8.94 5.80 1.31
O6' UD1 B . 8.47 8.14 2.41
O7' UD1 B . 11.58 1.34 0.89
N1 UD1 B . 3.16 6.52 -7.03
C2 UD1 B . 2.38 6.21 -8.16
N3 UD1 B . 1.69 7.16 -8.81
C4 UD1 B . 1.74 8.43 -8.39
C5 UD1 B . 2.51 8.77 -7.27
C6 UD1 B . 3.22 7.79 -6.60
O2 UD1 B . 2.32 5.02 -8.57
O4 UD1 B . 1.10 9.31 -8.99
C1B UD1 B . 3.91 5.47 -6.33
C2B UD1 B . 5.18 5.11 -7.08
O2' UD1 B . 4.97 3.97 -7.90
C3B UD1 B . 6.20 4.82 -5.99
C4B UD1 B . 5.64 5.48 -4.74
O4B UD1 B . 4.32 5.94 -5.05
O3B UD1 B . 6.31 3.41 -5.77
C5B UD1 B . 6.52 6.64 -4.33
O5B UD1 B . 7.49 6.22 -3.39
PA UD1 B . 7.20 6.40 -1.81
O1A UD1 B . 8.47 6.93 -1.20
O2A UD1 B . 5.92 7.20 -1.68
O3A UD1 B . 6.92 4.90 -1.29
PB UD1 B . 6.22 4.58 0.13
O1B UD1 B . 5.76 5.87 0.75
O2B UD1 B . 5.24 3.45 -0.06
C1 EDO C . -28.98 6.81 5.31
O1 EDO C . -29.01 6.88 3.88
C2 EDO C . -28.57 8.17 5.87
O2 EDO C . -28.56 8.11 7.30
C1 EDO D . -25.64 -22.77 9.95
O1 EDO D . -25.59 -24.04 10.59
C2 EDO D . -24.32 -22.04 10.16
O2 EDO D . -24.41 -20.74 9.56
CL CL E . -3.68 -22.00 -2.64
CL CL F . -27.73 -27.64 3.37
#